data_8YYR
#
_entry.id   8YYR
#
_cell.length_a   67.880
_cell.length_b   67.880
_cell.length_c   196.654
_cell.angle_alpha   90.000
_cell.angle_beta   90.000
_cell.angle_gamma   120.000
#
_symmetry.space_group_name_H-M   'P 31 2 1'
#
loop_
_entity.id
_entity.type
_entity.pdbx_description
1 polymer 'Putative ATP-dependent b-aminoacyl-ACP synthetase'
2 non-polymer '[(2~{R},3~{S},4~{R},5~{R})-5-(6-aminopurin-9-yl)-3,4-bis(oxidanyl)oxolan-2-yl]methyl ~{N}-[(3~{S})-3-azanyl-3-(2-bromophenyl)propanoyl]sulfamate'
3 water water
#
_entity_poly.entity_id   1
_entity_poly.type   'polypeptide(L)'
_entity_poly.pdbx_seq_one_letter_code
;MNHKVHHHHHHIEGRHMRVISNGRRAARARESVDNLYWFMLAAANSAPDTPAFVTRDGEGGVRTLSYRELRTRVDDFAAA
LAELGLDVDDRVVLEANVTPDAVAMLLACSLLGLPFIPVSPETPSGRLRSILDTAEPALFAQAEDGGRADVPATVGTARF
GAGGLRVERAPRARVRHRREIVGTDTAYIIFTSGTTGRPKGVVMSHRSVVSLYRAILEQGLITPEDRIATTSPLQFDFAL
FDIGLALGTGAALVPVPREELNWPRRFLAFLGDTGATQVHGVPSIWRPVLRHEPELLAGLDRVRGILFGGEDFPLPELRH
LQGLLPHARIVNGYGATESMACSFTEVPRPIPSDLERLSIGFPLPGFDVSLLDEHGRPVEEIGVAGQIHLRAPSMFSGYW
DDPEATARVLVSDPLDPRSGRTVLRSGDLAYRGEDGELYFAGRVDAQVQIRGNRVEPGEVERRLLEFPGISAAVALLVPR
PGNDPVLHAFVVVEPGGADFDKAKARAFCADTLPGYMIPANIVAVDDIPLTVNGKVDRADLATRVAGPF
;
_entity_poly.pdbx_strand_id   A
#
loop_
_chem_comp.id
_chem_comp.type
_chem_comp.name
_chem_comp.formula
A1L0H non-polymer '[(2~{R},3~{S},4~{R},5~{R})-5-(6-aminopurin-9-yl)-3,4-bis(oxidanyl)oxolan-2-yl]methyl ~{N}-[(3~{S})-3-azanyl-3-(2-bromophenyl)propanoyl]sulfamate' 'C19 H22 Br N7 O7 S'
#
# COMPACT_ATOMS: atom_id res chain seq x y z
N ARG A 25 27.28 12.73 -18.98
CA ARG A 25 26.34 13.76 -19.52
C ARG A 25 24.97 13.76 -18.81
N ALA A 26 24.52 12.61 -18.37
CA ALA A 26 23.24 12.51 -17.66
C ALA A 26 23.37 13.21 -16.30
N ALA A 27 22.32 13.90 -15.88
CA ALA A 27 22.22 14.44 -14.51
C ALA A 27 22.09 13.29 -13.53
N ARG A 28 22.60 13.47 -12.34
CA ARG A 28 22.47 12.48 -11.26
C ARG A 28 22.18 13.24 -9.98
N ALA A 29 21.37 12.65 -9.12
CA ALA A 29 20.98 13.32 -7.87
C ALA A 29 22.20 13.40 -6.98
N ARG A 30 22.31 14.54 -6.33
CA ARG A 30 23.42 14.77 -5.37
C ARG A 30 23.05 14.12 -4.05
N GLU A 31 24.06 13.65 -3.34
CA GLU A 31 23.87 12.94 -2.04
C GLU A 31 23.12 13.81 -1.03
N SER A 32 23.28 15.13 -1.03
CA SER A 32 22.63 16.05 -0.04
C SER A 32 21.15 16.31 -0.37
N VAL A 33 20.65 15.88 -1.54
CA VAL A 33 19.29 16.23 -2.03
C VAL A 33 18.39 15.03 -1.78
N ASP A 34 17.22 15.20 -1.14
CA ASP A 34 16.28 14.07 -0.94
C ASP A 34 16.16 13.26 -2.25
N ASN A 35 16.42 11.95 -2.17
CA ASN A 35 16.34 11.08 -3.36
C ASN A 35 16.34 9.62 -2.93
N LEU A 36 15.42 8.81 -3.45
CA LEU A 36 15.31 7.40 -3.05
C LEU A 36 16.66 6.69 -3.12
N TYR A 37 17.48 6.98 -4.13
CA TYR A 37 18.76 6.26 -4.33
C TYR A 37 19.57 6.35 -3.05
N TRP A 38 19.85 7.57 -2.60
CA TRP A 38 20.75 7.82 -1.46
C TRP A 38 20.11 7.34 -0.16
N PHE A 39 18.78 7.53 -0.04
CA PHE A 39 18.04 7.12 1.16
C PHE A 39 18.14 5.60 1.31
N MET A 40 17.81 4.82 0.27
CA MET A 40 17.69 3.35 0.43
C MET A 40 19.07 2.68 0.42
N LEU A 41 20.15 3.31 -0.09
CA LEU A 41 21.45 2.64 -0.21
C LEU A 41 22.46 3.15 0.81
N ALA A 42 22.07 4.00 1.77
CA ALA A 42 23.01 4.50 2.81
C ALA A 42 23.67 3.30 3.53
N ALA A 43 22.94 2.22 3.79
CA ALA A 43 23.51 1.04 4.48
C ALA A 43 24.57 0.32 3.63
N ALA A 44 24.68 0.54 2.32
CA ALA A 44 25.79 -0.06 1.56
C ALA A 44 27.14 0.44 2.10
N ASN A 45 27.16 1.60 2.76
CA ASN A 45 28.39 2.17 3.36
C ASN A 45 28.59 1.71 4.79
N SER A 46 27.58 1.84 5.61
CA SER A 46 27.66 1.57 7.07
C SER A 46 27.61 0.05 7.32
N ALA A 47 27.05 -0.76 6.40
CA ALA A 47 26.91 -2.22 6.60
C ALA A 47 26.88 -2.97 5.27
N PRO A 48 27.93 -2.84 4.41
CA PRO A 48 27.91 -3.41 3.07
C PRO A 48 27.53 -4.89 2.94
N ASP A 49 27.92 -5.75 3.89
CA ASP A 49 27.75 -7.21 3.67
C ASP A 49 26.49 -7.70 4.40
N THR A 50 25.71 -6.83 5.02
CA THR A 50 24.39 -7.18 5.61
C THR A 50 23.37 -7.40 4.50
N PRO A 51 22.34 -8.23 4.74
CA PRO A 51 21.40 -8.59 3.68
C PRO A 51 20.31 -7.53 3.49
N ALA A 52 20.12 -7.13 2.24
CA ALA A 52 19.08 -6.20 1.78
C ALA A 52 17.88 -7.04 1.32
N PHE A 53 18.14 -8.20 0.67
CA PHE A 53 17.10 -9.16 0.20
C PHE A 53 17.39 -10.58 0.67
N VAL A 54 16.29 -11.26 1.03
CA VAL A 54 16.25 -12.73 1.24
C VAL A 54 15.24 -13.27 0.23
N THR A 55 15.61 -14.25 -0.58
CA THR A 55 14.67 -14.80 -1.59
C THR A 55 14.76 -16.32 -1.49
N ARG A 56 13.82 -17.05 -2.08
CA ARG A 56 13.92 -18.53 -1.99
C ARG A 56 14.05 -19.17 -3.39
N GLY A 61 15.56 -23.31 -1.72
CA GLY A 61 16.92 -22.73 -1.64
C GLY A 61 16.88 -21.24 -1.26
N VAL A 62 17.25 -20.88 -0.03
CA VAL A 62 17.21 -19.45 0.43
C VAL A 62 18.53 -18.73 0.07
N ARG A 63 18.45 -17.55 -0.55
CA ARG A 63 19.60 -16.76 -1.08
C ARG A 63 19.49 -15.37 -0.49
N THR A 64 20.62 -14.71 -0.22
CA THR A 64 20.64 -13.30 0.25
C THR A 64 21.37 -12.46 -0.79
N LEU A 65 21.03 -11.19 -0.83
CA LEU A 65 21.71 -10.17 -1.66
C LEU A 65 22.07 -9.03 -0.71
N SER A 66 23.36 -8.73 -0.59
CA SER A 66 23.86 -7.70 0.35
C SER A 66 23.53 -6.29 -0.20
N TYR A 67 23.58 -5.32 0.70
CA TYR A 67 23.48 -3.86 0.41
C TYR A 67 24.52 -3.49 -0.62
N ARG A 68 25.77 -3.92 -0.42
CA ARG A 68 26.84 -3.66 -1.39
C ARG A 68 26.44 -4.22 -2.75
N GLU A 69 25.99 -5.47 -2.84
CA GLU A 69 25.65 -6.10 -4.14
C GLU A 69 24.40 -5.43 -4.75
N LEU A 70 23.44 -5.05 -3.93
CA LEU A 70 22.30 -4.25 -4.47
C LEU A 70 22.81 -2.93 -5.13
N ARG A 71 23.65 -2.17 -4.46
CA ARG A 71 24.13 -0.83 -4.94
C ARG A 71 24.91 -1.05 -6.22
N THR A 72 25.69 -2.14 -6.30
CA THR A 72 26.40 -2.52 -7.54
C THR A 72 25.41 -2.70 -8.67
N ARG A 73 24.31 -3.41 -8.42
CA ARG A 73 23.33 -3.68 -9.49
C ARG A 73 22.60 -2.37 -9.89
N VAL A 74 22.25 -1.54 -8.91
CA VAL A 74 21.60 -0.23 -9.17
C VAL A 74 22.53 0.57 -10.09
N ASP A 75 23.80 0.65 -9.72
CA ASP A 75 24.79 1.50 -10.42
C ASP A 75 24.95 1.00 -11.87
N ASP A 76 24.97 -0.31 -12.08
CA ASP A 76 25.08 -0.94 -13.44
C ASP A 76 23.82 -0.65 -14.27
N PHE A 77 22.63 -0.78 -13.70
CA PHE A 77 21.38 -0.39 -14.39
C PHE A 77 21.37 1.12 -14.68
N ALA A 78 21.88 1.91 -13.75
CA ALA A 78 21.83 3.38 -13.95
C ALA A 78 22.77 3.76 -15.09
N ALA A 79 23.92 3.13 -15.16
CA ALA A 79 24.91 3.41 -16.24
C ALA A 79 24.24 3.11 -17.59
N ALA A 80 23.54 1.97 -17.70
CA ALA A 80 22.82 1.58 -18.93
C ALA A 80 21.70 2.57 -19.24
N LEU A 81 20.91 2.96 -18.24
CA LEU A 81 19.78 3.89 -18.49
C LEU A 81 20.35 5.23 -18.93
N ALA A 82 21.45 5.65 -18.34
CA ALA A 82 22.01 7.00 -18.65
C ALA A 82 22.37 7.10 -20.14
N GLU A 83 22.66 5.98 -20.79
CA GLU A 83 22.98 5.95 -22.25
C GLU A 83 21.81 6.35 -23.10
N LEU A 84 20.58 6.25 -22.62
CA LEU A 84 19.40 6.40 -23.49
C LEU A 84 19.07 7.85 -23.78
N GLY A 85 19.73 8.77 -23.06
CA GLY A 85 19.59 10.21 -23.28
C GLY A 85 18.30 10.81 -22.72
N LEU A 86 17.66 10.18 -21.73
CA LEU A 86 16.40 10.71 -21.21
C LEU A 86 16.68 11.95 -20.35
N ASP A 87 15.74 12.88 -20.38
CA ASP A 87 15.78 14.13 -19.59
C ASP A 87 15.18 13.85 -18.22
N VAL A 88 15.65 14.53 -17.20
CA VAL A 88 14.99 14.52 -15.87
C VAL A 88 13.49 14.77 -16.11
N ASP A 89 12.62 14.00 -15.45
CA ASP A 89 11.14 14.08 -15.53
C ASP A 89 10.61 13.10 -16.61
N ASP A 90 11.47 12.55 -17.47
CA ASP A 90 11.02 11.54 -18.48
C ASP A 90 10.59 10.26 -17.71
N ARG A 91 9.45 9.69 -18.10
CA ARG A 91 8.79 8.60 -17.33
C ARG A 91 9.21 7.25 -17.87
N VAL A 92 9.46 6.34 -16.92
CA VAL A 92 9.85 4.95 -17.18
C VAL A 92 8.76 4.03 -16.61
N VAL A 93 8.07 3.26 -17.43
CA VAL A 93 7.09 2.26 -16.94
C VAL A 93 7.92 1.05 -16.50
N LEU A 94 7.77 0.64 -15.22
CA LEU A 94 8.48 -0.52 -14.69
C LEU A 94 7.43 -1.61 -14.42
N GLU A 95 7.39 -2.60 -15.30
CA GLU A 95 6.44 -3.71 -15.14
C GLU A 95 7.16 -4.83 -14.42
N ALA A 96 6.77 -5.06 -13.18
CA ALA A 96 7.42 -6.01 -12.29
C ALA A 96 6.58 -6.17 -11.03
N ASN A 97 6.84 -7.24 -10.34
CA ASN A 97 6.46 -7.33 -8.91
C ASN A 97 7.73 -7.06 -8.09
N VAL A 98 7.62 -7.10 -6.77
CA VAL A 98 8.76 -6.80 -5.89
C VAL A 98 9.82 -7.90 -6.03
N THR A 99 10.96 -7.52 -6.57
CA THR A 99 12.18 -8.37 -6.72
C THR A 99 13.41 -7.50 -6.52
N PRO A 100 14.57 -8.12 -6.27
CA PRO A 100 15.81 -7.36 -6.18
C PRO A 100 16.08 -6.57 -7.45
N ASP A 101 15.81 -7.18 -8.62
CA ASP A 101 16.04 -6.46 -9.92
C ASP A 101 15.07 -5.29 -10.10
N ALA A 102 13.81 -5.42 -9.78
CA ALA A 102 12.82 -4.32 -9.93
C ALA A 102 13.19 -3.17 -8.97
N VAL A 103 13.60 -3.50 -7.76
CA VAL A 103 14.00 -2.47 -6.76
C VAL A 103 15.30 -1.81 -7.27
N ALA A 104 16.22 -2.58 -7.88
CA ALA A 104 17.44 -1.99 -8.45
C ALA A 104 17.08 -1.01 -9.57
N MET A 105 16.08 -1.32 -10.39
CA MET A 105 15.64 -0.47 -11.51
C MET A 105 15.03 0.83 -10.97
N LEU A 106 14.18 0.75 -9.94
CA LEU A 106 13.45 1.96 -9.47
C LEU A 106 14.50 2.87 -8.81
N LEU A 107 15.55 2.30 -8.23
CA LEU A 107 16.60 3.12 -7.59
C LEU A 107 17.49 3.73 -8.67
N ALA A 108 17.71 3.03 -9.76
CA ALA A 108 18.51 3.59 -10.89
C ALA A 108 17.72 4.74 -11.51
N CYS A 109 16.42 4.58 -11.71
CA CYS A 109 15.52 5.64 -12.24
C CYS A 109 15.59 6.83 -11.27
N SER A 110 15.55 6.55 -9.97
CA SER A 110 15.61 7.59 -8.91
C SER A 110 16.85 8.46 -9.10
N LEU A 111 18.02 7.83 -9.16
CA LEU A 111 19.32 8.53 -9.25
C LEU A 111 19.33 9.46 -10.46
N LEU A 112 18.68 9.09 -11.58
CA LEU A 112 18.68 9.83 -12.85
C LEU A 112 17.50 10.81 -12.96
N GLY A 113 16.67 10.88 -11.93
CA GLY A 113 15.52 11.80 -11.93
C GLY A 113 14.48 11.37 -12.92
N LEU A 114 14.39 10.08 -13.23
CA LEU A 114 13.37 9.54 -14.15
C LEU A 114 12.24 8.95 -13.31
N PRO A 115 11.07 9.59 -13.23
CA PRO A 115 9.98 9.05 -12.43
C PRO A 115 9.61 7.67 -12.97
N PHE A 116 9.38 6.72 -12.06
CA PHE A 116 8.96 5.37 -12.48
C PHE A 116 7.48 5.24 -12.25
N ILE A 117 6.88 4.41 -13.10
CA ILE A 117 5.44 4.14 -13.07
C ILE A 117 5.35 2.63 -12.87
N PRO A 118 5.15 2.18 -11.64
CA PRO A 118 5.16 0.73 -11.40
C PRO A 118 3.83 0.12 -11.84
N VAL A 119 3.90 -0.97 -12.60
CA VAL A 119 2.70 -1.67 -13.14
C VAL A 119 2.89 -3.16 -12.87
N SER A 120 1.94 -3.81 -12.23
CA SER A 120 2.14 -5.25 -12.00
C SER A 120 1.82 -5.99 -13.31
N PRO A 121 2.59 -7.04 -13.60
CA PRO A 121 2.38 -7.84 -14.81
C PRO A 121 0.98 -8.47 -14.86
N GLU A 122 0.26 -8.50 -13.75
CA GLU A 122 -1.14 -9.02 -13.76
C GLU A 122 -2.10 -7.98 -14.35
N THR A 123 -1.63 -6.74 -14.56
CA THR A 123 -2.48 -5.68 -15.14
C THR A 123 -2.93 -6.13 -16.52
N PRO A 124 -4.25 -6.08 -16.83
CA PRO A 124 -4.70 -6.44 -18.18
C PRO A 124 -4.09 -5.51 -19.25
N SER A 125 -3.85 -6.03 -20.46
CA SER A 125 -3.31 -5.28 -21.62
C SER A 125 -4.04 -3.96 -21.87
N GLY A 126 -5.38 -3.96 -21.80
CA GLY A 126 -6.18 -2.76 -22.08
C GLY A 126 -5.88 -1.68 -21.05
N ARG A 127 -5.79 -2.06 -19.79
CA ARG A 127 -5.50 -1.11 -18.69
C ARG A 127 -4.08 -0.58 -18.86
N LEU A 128 -3.12 -1.42 -19.24
CA LEU A 128 -1.76 -0.90 -19.45
C LEU A 128 -1.76 0.11 -20.61
N ARG A 129 -2.47 -0.22 -21.71
CA ARG A 129 -2.50 0.69 -22.87
C ARG A 129 -3.09 2.05 -22.43
N SER A 130 -4.11 2.03 -21.59
CA SER A 130 -4.73 3.27 -21.08
C SER A 130 -3.68 4.10 -20.32
N ILE A 131 -2.88 3.46 -19.47
CA ILE A 131 -1.76 4.13 -18.74
C ILE A 131 -0.74 4.66 -19.74
N LEU A 132 -0.32 3.87 -20.74
CA LEU A 132 0.67 4.32 -21.75
C LEU A 132 0.13 5.54 -22.50
N ASP A 133 -1.17 5.53 -22.83
CA ASP A 133 -1.83 6.64 -23.60
C ASP A 133 -1.72 7.93 -22.80
N THR A 134 -2.07 7.91 -21.51
CA THR A 134 -2.13 9.14 -20.70
C THR A 134 -0.74 9.55 -20.25
N ALA A 135 0.10 8.61 -19.82
CA ALA A 135 1.41 8.93 -19.23
C ALA A 135 2.46 9.24 -20.29
N GLU A 136 2.32 8.70 -21.50
CA GLU A 136 3.28 8.91 -22.59
C GLU A 136 4.71 8.74 -22.10
N PRO A 137 5.07 7.56 -21.57
CA PRO A 137 6.41 7.36 -21.06
C PRO A 137 7.46 7.24 -22.17
N ALA A 138 8.70 7.51 -21.84
CA ALA A 138 9.82 7.42 -22.79
C ALA A 138 10.22 5.95 -22.96
N LEU A 139 10.09 5.15 -21.90
CA LEU A 139 10.63 3.79 -21.79
C LEU A 139 9.68 2.89 -20.99
N PHE A 140 9.52 1.66 -21.49
CA PHE A 140 8.83 0.53 -20.82
C PHE A 140 9.89 -0.53 -20.54
N ALA A 141 10.10 -0.92 -19.29
CA ALA A 141 11.06 -1.97 -18.90
C ALA A 141 10.33 -3.06 -18.13
N GLN A 142 10.66 -4.30 -18.46
CA GLN A 142 10.13 -5.49 -17.79
C GLN A 142 11.29 -6.48 -17.62
N ALA A 143 11.07 -7.55 -16.86
CA ALA A 143 12.09 -8.57 -16.52
C ALA A 143 12.45 -9.37 -17.80
N GLU A 144 13.63 -9.96 -17.86
CA GLU A 144 14.02 -10.80 -19.03
C GLU A 144 12.87 -11.81 -19.33
N ASP A 145 12.33 -12.48 -18.31
CA ASP A 145 11.30 -13.53 -18.48
C ASP A 145 9.86 -12.96 -18.43
N GLY A 146 9.69 -11.65 -18.52
CA GLY A 146 8.38 -10.99 -18.49
C GLY A 146 7.60 -11.32 -19.76
N GLY A 147 6.28 -11.22 -19.72
CA GLY A 147 5.50 -11.65 -20.89
C GLY A 147 4.69 -10.55 -21.51
N ARG A 148 4.98 -9.27 -21.28
CA ARG A 148 4.24 -8.21 -22.00
C ARG A 148 4.73 -8.14 -23.45
N ALA A 149 3.83 -8.27 -24.42
CA ALA A 149 4.21 -8.50 -25.84
C ALA A 149 3.68 -7.40 -26.76
N ASP A 150 3.10 -6.30 -26.27
CA ASP A 150 2.28 -5.44 -27.19
C ASP A 150 2.43 -3.93 -26.92
N VAL A 151 3.65 -3.41 -26.92
CA VAL A 151 3.94 -2.02 -26.48
C VAL A 151 4.15 -1.13 -27.70
N PRO A 152 3.44 0.00 -27.82
CA PRO A 152 3.59 0.90 -28.96
C PRO A 152 5.01 1.35 -29.30
N ALA A 153 5.30 1.54 -30.60
CA ALA A 153 6.62 1.89 -31.19
C ALA A 153 7.17 3.22 -30.66
N THR A 154 6.35 4.16 -30.23
CA THR A 154 6.80 5.47 -29.66
C THR A 154 7.48 5.27 -28.30
N VAL A 155 7.09 4.20 -27.61
CA VAL A 155 7.70 3.88 -26.30
C VAL A 155 8.87 2.96 -26.56
N GLY A 156 10.01 3.33 -26.03
CA GLY A 156 11.19 2.46 -25.92
C GLY A 156 10.88 1.25 -25.06
N THR A 157 11.61 0.15 -25.27
CA THR A 157 11.44 -1.13 -24.53
C THR A 157 12.81 -1.67 -24.15
N ALA A 158 12.87 -2.27 -22.99
CA ALA A 158 14.08 -2.83 -22.37
C ALA A 158 13.68 -3.98 -21.46
N ARG A 159 14.62 -4.88 -21.23
CA ARG A 159 14.44 -5.99 -20.28
C ARG A 159 15.61 -5.94 -19.32
N PHE A 160 15.34 -6.25 -18.06
CA PHE A 160 16.37 -6.20 -17.03
C PHE A 160 16.46 -7.56 -16.38
N GLY A 161 17.66 -7.92 -15.99
CA GLY A 161 17.95 -9.20 -15.33
C GLY A 161 19.35 -9.22 -14.78
N ALA A 162 19.79 -10.39 -14.35
CA ALA A 162 21.17 -10.74 -13.93
C ALA A 162 22.15 -10.08 -14.90
N GLY A 163 21.87 -10.26 -16.19
CA GLY A 163 22.75 -9.87 -17.30
C GLY A 163 22.75 -8.37 -17.60
N GLY A 164 22.00 -7.55 -16.85
CA GLY A 164 21.98 -6.09 -16.98
C GLY A 164 20.70 -5.56 -17.59
N LEU A 165 20.67 -4.28 -17.93
CA LEU A 165 19.52 -3.71 -18.64
C LEU A 165 19.80 -3.86 -20.13
N ARG A 166 18.88 -4.47 -20.87
CA ARG A 166 19.00 -4.76 -22.33
C ARG A 166 17.95 -3.98 -23.11
N VAL A 167 18.40 -3.07 -23.98
CA VAL A 167 17.45 -2.26 -24.77
C VAL A 167 17.01 -3.09 -25.97
N GLU A 168 15.72 -3.07 -26.26
CA GLU A 168 15.13 -3.76 -27.42
C GLU A 168 14.85 -2.68 -28.43
N ARG A 169 14.00 -1.72 -28.09
CA ARG A 169 13.73 -0.54 -28.95
C ARG A 169 14.17 0.73 -28.20
N ALA A 170 15.08 1.55 -28.77
CA ALA A 170 15.58 2.73 -28.04
C ALA A 170 14.44 3.72 -27.91
N PRO A 171 14.37 4.52 -26.82
CA PRO A 171 13.45 5.63 -26.79
C PRO A 171 13.83 6.64 -27.90
N ARG A 172 12.91 7.50 -28.26
CA ARG A 172 13.17 8.51 -29.29
C ARG A 172 14.19 9.51 -28.78
N ALA A 173 14.91 10.09 -29.74
CA ALA A 173 15.93 11.13 -29.54
C ALA A 173 15.29 12.37 -28.94
N ARG A 174 16.08 13.05 -28.15
CA ARG A 174 15.62 14.29 -27.50
C ARG A 174 16.83 15.13 -27.13
N VAL A 175 16.56 16.36 -26.74
CA VAL A 175 17.55 17.25 -26.12
C VAL A 175 17.28 17.30 -24.62
N ARG A 176 18.30 17.08 -23.79
CA ARG A 176 18.19 17.26 -22.32
C ARG A 176 18.16 18.75 -21.97
N HIS A 177 17.20 19.20 -21.17
CA HIS A 177 17.15 20.62 -20.73
C HIS A 177 17.41 20.80 -19.23
N ARG A 178 17.15 19.77 -18.40
CA ARG A 178 17.32 19.87 -16.92
C ARG A 178 18.80 19.68 -16.52
N ARG A 179 19.40 20.69 -15.89
CA ARG A 179 20.82 20.65 -15.45
C ARG A 179 20.96 19.85 -14.18
N GLU A 180 20.05 20.02 -13.22
CA GLU A 180 20.21 19.44 -11.86
C GLU A 180 18.88 18.92 -11.35
N ILE A 181 18.99 17.83 -10.60
CA ILE A 181 17.86 17.12 -9.98
C ILE A 181 17.60 17.76 -8.61
N VAL A 182 16.32 17.94 -8.33
CA VAL A 182 15.91 18.57 -7.04
C VAL A 182 15.04 17.61 -6.24
N GLY A 183 14.73 17.97 -5.00
CA GLY A 183 13.90 17.13 -4.14
C GLY A 183 12.48 17.07 -4.59
N THR A 184 11.92 18.13 -5.17
CA THR A 184 10.52 18.18 -5.65
C THR A 184 10.36 17.41 -6.98
N ASP A 185 11.44 16.93 -7.59
CA ASP A 185 11.30 16.11 -8.81
C ASP A 185 10.50 14.86 -8.45
N THR A 186 9.78 14.35 -9.42
CA THR A 186 8.91 13.19 -9.22
C THR A 186 9.73 11.89 -9.07
N ALA A 187 9.51 11.15 -8.02
CA ALA A 187 10.08 9.79 -7.80
C ALA A 187 9.21 8.78 -8.55
N TYR A 188 7.90 8.83 -8.38
CA TYR A 188 7.00 7.83 -9.02
C TYR A 188 5.63 8.44 -9.25
N ILE A 189 4.83 7.74 -10.08
CA ILE A 189 3.43 8.06 -10.39
C ILE A 189 2.68 6.72 -10.27
N ILE A 190 1.76 6.70 -9.34
CA ILE A 190 0.86 5.54 -9.12
C ILE A 190 -0.40 5.73 -9.95
N PHE A 191 -0.63 4.82 -10.91
CA PHE A 191 -1.84 4.83 -11.76
C PHE A 191 -2.82 3.76 -11.30
N THR A 192 -4.06 4.20 -11.14
CA THR A 192 -5.27 3.34 -10.92
C THR A 192 -6.33 3.76 -11.98
N PRO A 199 -8.01 7.19 -15.96
CA PRO A 199 -6.91 6.58 -15.16
C PRO A 199 -6.25 7.64 -14.26
N LYS A 200 -6.37 7.52 -12.93
CA LYS A 200 -5.92 8.50 -11.91
C LYS A 200 -4.42 8.27 -11.69
N GLY A 201 -3.57 9.28 -11.87
CA GLY A 201 -2.12 9.16 -11.61
C GLY A 201 -1.67 10.03 -10.46
N VAL A 202 -1.25 9.40 -9.34
CA VAL A 202 -0.81 10.17 -8.15
C VAL A 202 0.69 10.45 -8.32
N VAL A 203 1.05 11.72 -8.47
CA VAL A 203 2.46 12.11 -8.68
C VAL A 203 3.10 12.27 -7.29
N MET A 204 4.06 11.38 -6.90
N MET A 204 4.15 11.46 -6.96
CA MET A 204 4.87 11.69 -5.66
CA MET A 204 4.88 11.67 -5.64
C MET A 204 6.30 12.22 -6.02
C MET A 204 6.36 12.10 -5.87
N SER A 205 6.75 13.19 -5.20
CA SER A 205 8.15 13.73 -5.23
C SER A 205 9.06 12.87 -4.33
N HIS A 206 10.36 12.90 -4.62
CA HIS A 206 11.37 12.32 -3.71
C HIS A 206 11.20 12.97 -2.33
N ARG A 207 11.10 14.30 -2.25
CA ARG A 207 11.02 14.96 -0.91
C ARG A 207 9.85 14.33 -0.12
N SER A 208 8.72 14.10 -0.78
CA SER A 208 7.48 13.63 -0.10
C SER A 208 7.71 12.23 0.40
N VAL A 209 8.16 11.32 -0.48
CA VAL A 209 8.29 9.90 -0.06
C VAL A 209 9.37 9.77 1.00
N VAL A 210 10.51 10.41 0.82
CA VAL A 210 11.57 10.38 1.85
C VAL A 210 11.04 10.93 3.20
N SER A 211 10.18 11.93 3.22
CA SER A 211 9.63 12.54 4.46
C SER A 211 8.77 11.51 5.16
N LEU A 212 7.98 10.74 4.42
CA LEU A 212 7.22 9.61 5.02
C LEU A 212 8.20 8.58 5.63
N TYR A 213 9.20 8.13 4.91
CA TYR A 213 10.20 7.16 5.46
C TYR A 213 10.89 7.71 6.72
N ARG A 214 11.27 8.99 6.74
CA ARG A 214 11.96 9.54 7.91
C ARG A 214 11.02 9.56 9.10
N ALA A 215 9.73 9.81 8.87
CA ALA A 215 8.74 9.92 9.95
C ALA A 215 8.53 8.52 10.51
N ILE A 216 8.46 7.50 9.65
CA ILE A 216 8.21 6.13 10.19
C ILE A 216 9.50 5.58 10.82
N LEU A 217 10.68 5.88 10.27
CA LEU A 217 11.97 5.48 10.92
C LEU A 217 12.01 6.05 12.33
N GLU A 218 11.45 7.24 12.57
CA GLU A 218 11.46 7.85 13.92
C GLU A 218 10.61 6.96 14.85
N GLN A 219 9.75 6.06 14.36
CA GLN A 219 8.85 5.28 15.28
C GLN A 219 9.50 3.97 15.77
N GLY A 220 10.62 3.57 15.19
CA GLY A 220 11.36 2.34 15.53
C GLY A 220 10.47 1.13 15.40
N LEU A 221 9.64 1.07 14.37
CA LEU A 221 8.88 -0.17 14.06
C LEU A 221 9.80 -1.36 13.90
N ILE A 222 10.91 -1.20 13.20
CA ILE A 222 11.77 -2.35 12.90
C ILE A 222 13.20 -1.93 13.18
N THR A 223 14.09 -2.91 13.21
CA THR A 223 15.56 -2.78 13.38
C THR A 223 16.28 -3.37 12.17
N PRO A 224 17.60 -3.10 12.03
CA PRO A 224 18.40 -3.74 11.00
C PRO A 224 18.43 -5.28 11.02
N GLU A 225 18.10 -5.93 12.15
CA GLU A 225 18.13 -7.42 12.23
C GLU A 225 16.80 -7.96 11.76
N ASP A 226 15.82 -7.12 11.46
CA ASP A 226 14.50 -7.62 10.96
C ASP A 226 14.59 -8.11 9.50
N ARG A 227 13.72 -9.05 9.16
CA ARG A 227 13.47 -9.47 7.76
C ARG A 227 12.00 -9.30 7.48
N ILE A 228 11.69 -8.35 6.61
CA ILE A 228 10.30 -7.86 6.38
C ILE A 228 9.72 -8.63 5.20
N ALA A 229 8.77 -9.53 5.45
CA ALA A 229 8.00 -10.18 4.37
C ALA A 229 6.99 -9.15 3.84
N THR A 230 7.11 -8.78 2.57
CA THR A 230 6.25 -7.81 1.89
C THR A 230 5.39 -8.59 0.88
N THR A 231 4.09 -8.36 0.85
CA THR A 231 3.10 -9.10 0.02
C THR A 231 2.45 -8.24 -1.08
N SER A 232 2.58 -6.94 -1.04
CA SER A 232 1.83 -6.05 -1.95
C SER A 232 2.49 -6.09 -3.32
N PRO A 233 1.69 -6.02 -4.41
CA PRO A 233 2.20 -5.74 -5.76
C PRO A 233 3.03 -4.45 -5.77
N LEU A 234 4.08 -4.41 -6.57
CA LEU A 234 4.92 -3.22 -6.74
C LEU A 234 4.10 -1.98 -7.13
N GLN A 235 3.02 -2.13 -7.87
CA GLN A 235 2.22 -0.98 -8.34
C GLN A 235 1.44 -0.32 -7.19
N PHE A 236 1.37 -0.96 -6.02
CA PHE A 236 0.64 -0.43 -4.84
C PHE A 236 1.68 0.24 -3.93
N ASP A 237 1.43 1.43 -3.44
CA ASP A 237 2.49 2.16 -2.67
C ASP A 237 2.77 1.48 -1.32
N PHE A 238 1.93 0.54 -0.87
CA PHE A 238 2.22 -0.25 0.33
C PHE A 238 3.52 -1.04 0.10
N ALA A 239 3.74 -1.54 -1.12
CA ALA A 239 5.03 -2.20 -1.50
C ALA A 239 6.17 -1.19 -1.41
N LEU A 240 5.98 0.01 -1.98
CA LEU A 240 7.05 1.05 -1.93
C LEU A 240 7.34 1.48 -0.48
N PHE A 241 6.33 1.48 0.38
CA PHE A 241 6.53 1.76 1.83
C PHE A 241 7.42 0.67 2.42
N ASP A 242 7.12 -0.59 2.16
CA ASP A 242 7.85 -1.72 2.81
C ASP A 242 9.30 -1.68 2.36
N ILE A 243 9.49 -1.43 1.08
CA ILE A 243 10.86 -1.43 0.50
C ILE A 243 11.69 -0.33 1.18
N GLY A 244 11.16 0.89 1.26
CA GLY A 244 11.95 2.02 1.80
C GLY A 244 12.11 1.92 3.32
N LEU A 245 11.11 1.38 4.03
CA LEU A 245 11.24 1.08 5.47
C LEU A 245 12.40 0.09 5.69
N ALA A 246 12.43 -1.01 4.96
CA ALA A 246 13.44 -2.06 5.17
C ALA A 246 14.81 -1.51 4.79
N LEU A 247 14.93 -0.97 3.57
CA LEU A 247 16.26 -0.59 3.05
C LEU A 247 16.73 0.65 3.80
N GLY A 248 15.85 1.59 4.12
CA GLY A 248 16.24 2.78 4.89
C GLY A 248 16.72 2.43 6.27
N THR A 249 16.21 1.34 6.86
CA THR A 249 16.58 0.92 8.22
C THR A 249 17.87 0.10 8.19
N GLY A 250 18.18 -0.56 7.08
CA GLY A 250 19.30 -1.51 6.95
C GLY A 250 18.87 -2.92 7.28
N ALA A 251 17.54 -3.12 7.28
CA ALA A 251 16.93 -4.46 7.41
C ALA A 251 16.90 -5.19 6.08
N ALA A 252 16.44 -6.44 6.10
CA ALA A 252 16.26 -7.25 4.89
C ALA A 252 14.81 -7.30 4.43
N LEU A 253 14.62 -7.33 3.12
N LEU A 253 14.61 -7.24 3.12
CA LEU A 253 13.28 -7.44 2.51
CA LEU A 253 13.31 -7.49 2.46
C LEU A 253 13.09 -8.87 1.97
C LEU A 253 13.17 -8.97 2.13
N VAL A 254 11.97 -9.48 2.32
CA VAL A 254 11.63 -10.85 1.90
C VAL A 254 10.40 -10.73 1.05
N PRO A 255 10.54 -10.60 -0.28
CA PRO A 255 9.38 -10.40 -1.13
C PRO A 255 8.63 -11.73 -1.21
N VAL A 256 7.34 -11.69 -0.94
CA VAL A 256 6.46 -12.89 -1.00
C VAL A 256 5.79 -12.89 -2.37
N PRO A 257 6.16 -13.84 -3.23
CA PRO A 257 5.47 -13.96 -4.53
C PRO A 257 3.98 -14.26 -4.39
N ARG A 258 3.16 -13.71 -5.30
CA ARG A 258 1.69 -13.97 -5.29
C ARG A 258 1.42 -15.49 -5.30
N GLU A 259 2.19 -16.27 -6.05
CA GLU A 259 1.98 -17.74 -6.19
C GLU A 259 2.31 -18.46 -4.88
N GLU A 260 3.11 -17.87 -3.98
CA GLU A 260 3.35 -18.46 -2.64
C GLU A 260 2.22 -18.00 -1.70
N LEU A 261 1.75 -16.77 -1.83
CA LEU A 261 0.76 -16.11 -0.94
C LEU A 261 -0.62 -16.76 -1.05
N ASN A 262 -0.95 -17.30 -2.22
CA ASN A 262 -2.30 -17.78 -2.57
C ASN A 262 -2.62 -19.14 -1.91
N TRP A 263 -1.67 -19.86 -1.34
CA TRP A 263 -1.95 -21.19 -0.76
C TRP A 263 -1.43 -21.16 0.67
N PRO A 264 -2.25 -21.54 1.65
CA PRO A 264 -1.88 -21.28 3.04
C PRO A 264 -0.67 -22.04 3.55
N ARG A 265 -0.54 -23.35 3.33
CA ARG A 265 0.69 -24.06 3.80
C ARG A 265 1.91 -23.55 3.05
N ARG A 266 1.76 -23.26 1.77
CA ARG A 266 2.88 -22.77 0.98
C ARG A 266 3.37 -21.42 1.53
N PHE A 267 2.43 -20.57 1.84
CA PHE A 267 2.69 -19.20 2.38
C PHE A 267 3.43 -19.34 3.70
N LEU A 268 2.91 -20.19 4.58
CA LEU A 268 3.55 -20.39 5.91
C LEU A 268 4.95 -21.01 5.81
N ALA A 269 5.16 -21.97 4.91
CA ALA A 269 6.49 -22.58 4.67
C ALA A 269 7.45 -21.52 4.15
N PHE A 270 6.97 -20.60 3.33
CA PHE A 270 7.86 -19.54 2.77
C PHE A 270 8.30 -18.61 3.91
N LEU A 271 7.39 -18.17 4.77
CA LEU A 271 7.72 -17.29 5.93
C LEU A 271 8.69 -18.01 6.88
N GLY A 272 8.49 -19.30 7.11
CA GLY A 272 9.39 -20.07 7.99
C GLY A 272 10.78 -20.24 7.36
N ASP A 273 10.87 -20.66 6.09
CA ASP A 273 12.16 -20.96 5.39
C ASP A 273 13.02 -19.68 5.32
N THR A 274 12.39 -18.52 5.07
CA THR A 274 13.08 -17.21 4.93
C THR A 274 13.35 -16.54 6.29
N GLY A 275 12.90 -17.12 7.41
CA GLY A 275 13.08 -16.51 8.75
C GLY A 275 12.50 -15.09 8.82
N ALA A 276 11.38 -14.81 8.16
CA ALA A 276 10.66 -13.51 8.29
C ALA A 276 10.38 -13.22 9.77
N THR A 277 10.63 -11.98 10.16
CA THR A 277 10.38 -11.47 11.52
C THR A 277 9.23 -10.48 11.55
N GLN A 278 8.78 -9.98 10.39
CA GLN A 278 7.72 -9.00 10.23
C GLN A 278 6.94 -9.38 8.97
N VAL A 279 5.65 -9.35 9.03
CA VAL A 279 4.78 -9.66 7.85
C VAL A 279 3.86 -8.46 7.59
N HIS A 280 4.01 -7.87 6.41
CA HIS A 280 3.26 -6.69 5.98
C HIS A 280 2.30 -7.07 4.87
N GLY A 281 1.09 -6.57 4.92
CA GLY A 281 0.18 -6.75 3.77
C GLY A 281 -1.21 -6.36 4.19
N VAL A 282 -2.09 -6.31 3.23
CA VAL A 282 -3.51 -5.98 3.49
C VAL A 282 -4.11 -7.10 4.31
N PRO A 283 -5.19 -6.84 5.07
CA PRO A 283 -5.78 -7.85 5.98
C PRO A 283 -6.10 -9.17 5.29
N SER A 284 -6.47 -9.14 3.99
CA SER A 284 -6.89 -10.37 3.26
C SER A 284 -5.76 -11.43 3.22
N ILE A 285 -4.48 -11.07 3.36
CA ILE A 285 -3.37 -12.06 3.24
C ILE A 285 -3.50 -13.12 4.34
N TRP A 286 -4.23 -12.84 5.41
CA TRP A 286 -4.33 -13.81 6.55
C TRP A 286 -5.54 -14.73 6.39
N ARG A 287 -6.49 -14.37 5.53
CA ARG A 287 -7.83 -15.01 5.59
C ARG A 287 -7.69 -16.52 5.31
N PRO A 288 -6.92 -16.95 4.27
CA PRO A 288 -6.83 -18.39 4.00
C PRO A 288 -6.11 -19.13 5.13
N VAL A 289 -5.02 -18.55 5.63
CA VAL A 289 -4.24 -19.21 6.71
C VAL A 289 -5.16 -19.39 7.93
N LEU A 290 -5.91 -18.37 8.32
CA LEU A 290 -6.76 -18.43 9.53
C LEU A 290 -7.84 -19.51 9.33
N ARG A 291 -8.37 -19.57 8.11
CA ARG A 291 -9.45 -20.53 7.73
C ARG A 291 -8.93 -21.97 7.71
N HIS A 292 -7.80 -22.25 7.03
CA HIS A 292 -7.32 -23.63 6.73
C HIS A 292 -6.18 -24.13 7.64
N GLU A 293 -5.29 -23.25 8.12
CA GLU A 293 -4.02 -23.67 8.76
C GLU A 293 -3.72 -22.86 10.03
N PRO A 294 -4.66 -22.64 10.98
CA PRO A 294 -4.33 -21.88 12.20
C PRO A 294 -3.22 -22.54 13.06
N GLU A 295 -3.17 -23.88 13.10
CA GLU A 295 -2.15 -24.59 13.90
C GLU A 295 -0.76 -24.28 13.34
N LEU A 296 -0.58 -24.35 12.04
CA LEU A 296 0.79 -24.08 11.49
C LEU A 296 1.11 -22.59 11.62
N LEU A 297 0.12 -21.72 11.51
CA LEU A 297 0.35 -20.26 11.69
C LEU A 297 0.98 -20.00 13.06
N ALA A 298 0.46 -20.67 14.08
CA ALA A 298 0.94 -20.53 15.47
C ALA A 298 2.40 -20.98 15.61
N GLY A 299 2.90 -21.78 14.68
CA GLY A 299 4.28 -22.26 14.68
C GLY A 299 5.24 -21.22 14.14
N LEU A 300 4.79 -20.03 13.65
CA LEU A 300 5.77 -19.01 13.15
C LEU A 300 6.42 -18.26 14.34
N ASP A 301 7.33 -18.95 15.00
CA ASP A 301 7.95 -18.50 16.27
C ASP A 301 8.87 -17.28 16.04
N ARG A 302 9.36 -17.02 14.82
CA ARG A 302 10.26 -15.86 14.57
C ARG A 302 9.49 -14.57 14.27
N VAL A 303 8.19 -14.64 14.03
CA VAL A 303 7.43 -13.43 13.69
C VAL A 303 7.24 -12.54 14.91
N ARG A 304 7.82 -11.34 14.86
CA ARG A 304 7.79 -10.36 15.97
C ARG A 304 6.78 -9.26 15.67
N GLY A 305 6.32 -9.12 14.42
CA GLY A 305 5.41 -8.00 14.15
C GLY A 305 4.62 -8.25 12.87
N ILE A 306 3.40 -7.75 12.86
CA ILE A 306 2.50 -7.76 11.69
C ILE A 306 2.07 -6.32 11.42
N LEU A 307 2.12 -5.88 10.17
CA LEU A 307 1.61 -4.52 9.83
C LEU A 307 0.56 -4.66 8.72
N PHE A 308 -0.63 -4.12 8.93
CA PHE A 308 -1.69 -4.17 7.92
C PHE A 308 -2.12 -2.73 7.62
N GLY A 309 -2.75 -2.58 6.48
CA GLY A 309 -3.28 -1.28 6.08
C GLY A 309 -4.14 -1.40 4.86
N GLY A 310 -4.84 -0.32 4.51
CA GLY A 310 -5.54 -0.24 3.21
C GLY A 310 -7.00 -0.47 3.37
N GLU A 311 -7.41 -1.18 4.42
CA GLU A 311 -8.83 -1.40 4.73
C GLU A 311 -8.90 -1.93 6.16
N ASP A 312 -10.12 -1.93 6.68
CA ASP A 312 -10.47 -2.41 8.04
C ASP A 312 -10.13 -3.90 8.11
N PHE A 313 -9.52 -4.32 9.21
CA PHE A 313 -9.34 -5.75 9.51
C PHE A 313 -10.57 -6.17 10.30
N PRO A 314 -11.40 -7.12 9.81
CA PRO A 314 -12.55 -7.63 10.60
C PRO A 314 -12.06 -8.11 11.96
N LEU A 315 -12.66 -7.60 13.04
CA LEU A 315 -12.11 -7.81 14.38
C LEU A 315 -12.14 -9.28 14.75
N PRO A 316 -13.16 -10.09 14.39
CA PRO A 316 -13.10 -11.51 14.71
C PRO A 316 -11.91 -12.23 14.08
N GLU A 317 -11.54 -11.86 12.85
CA GLU A 317 -10.35 -12.43 12.20
C GLU A 317 -9.09 -11.90 12.91
N LEU A 318 -9.05 -10.62 13.24
CA LEU A 318 -7.85 -10.00 13.87
C LEU A 318 -7.64 -10.57 15.28
N ARG A 319 -8.73 -10.84 15.99
CA ARG A 319 -8.61 -11.45 17.35
C ARG A 319 -8.09 -12.89 17.22
N HIS A 320 -8.49 -13.60 16.16
CA HIS A 320 -8.02 -14.99 15.89
C HIS A 320 -6.50 -15.01 15.68
N LEU A 321 -6.03 -14.15 14.79
CA LEU A 321 -4.61 -14.00 14.45
C LEU A 321 -3.83 -13.64 15.72
N GLN A 322 -4.30 -12.62 16.42
CA GLN A 322 -3.58 -12.15 17.64
C GLN A 322 -3.43 -13.29 18.66
N GLY A 323 -4.46 -14.11 18.85
CA GLY A 323 -4.41 -15.26 19.76
C GLY A 323 -3.50 -16.38 19.31
N LEU A 324 -3.28 -16.56 18.00
CA LEU A 324 -2.34 -17.58 17.46
C LEU A 324 -0.89 -17.18 17.58
N LEU A 325 -0.62 -15.86 17.54
CA LEU A 325 0.75 -15.31 17.56
C LEU A 325 0.83 -14.27 18.66
N PRO A 326 0.80 -14.70 19.92
CA PRO A 326 0.73 -13.74 21.03
C PRO A 326 1.93 -12.79 21.17
N HIS A 327 3.08 -13.13 20.55
CA HIS A 327 4.35 -12.39 20.63
C HIS A 327 4.56 -11.57 19.36
N ALA A 328 3.57 -11.45 18.50
CA ALA A 328 3.68 -10.53 17.37
C ALA A 328 2.92 -9.25 17.70
N ARG A 329 3.63 -8.14 17.65
CA ARG A 329 2.98 -6.81 17.74
C ARG A 329 2.20 -6.61 16.45
N ILE A 330 0.95 -6.16 16.50
CA ILE A 330 0.17 -5.83 15.28
C ILE A 330 -0.03 -4.32 15.20
N VAL A 331 0.33 -3.78 14.06
CA VAL A 331 0.16 -2.33 13.80
C VAL A 331 -0.80 -2.13 12.67
N ASN A 332 -1.71 -1.20 12.90
CA ASN A 332 -2.72 -0.71 11.94
C ASN A 332 -2.16 0.52 11.24
N GLY A 333 -1.88 0.44 9.95
CA GLY A 333 -1.43 1.58 9.15
C GLY A 333 -2.59 2.21 8.41
N TYR A 334 -2.75 3.52 8.53
CA TYR A 334 -3.82 4.31 7.84
C TYR A 334 -3.18 5.34 6.93
N GLY A 335 -3.83 5.58 5.80
CA GLY A 335 -3.58 6.72 4.91
C GLY A 335 -3.83 6.36 3.47
N ALA A 336 -3.39 7.22 2.55
CA ALA A 336 -3.78 7.12 1.14
C ALA A 336 -2.57 7.41 0.28
N THR A 337 -2.60 6.99 -0.96
CA THR A 337 -1.49 7.18 -1.92
C THR A 337 -1.09 8.67 -1.92
N GLU A 338 -2.08 9.54 -1.81
CA GLU A 338 -1.88 11.00 -1.90
C GLU A 338 -0.89 11.54 -0.87
N SER A 339 -0.55 10.79 0.20
CA SER A 339 0.52 11.20 1.16
C SER A 339 1.40 10.02 1.54
N MET A 340 1.26 8.94 0.76
CA MET A 340 1.70 7.56 1.10
C MET A 340 0.97 7.06 2.35
N ALA A 341 1.12 7.67 3.50
CA ALA A 341 0.35 7.22 4.69
C ALA A 341 0.27 8.39 5.67
N CYS A 342 -0.40 8.18 6.79
CA CYS A 342 -0.76 9.25 7.77
C CYS A 342 -0.43 8.76 9.19
N SER A 343 -0.85 7.56 9.58
CA SER A 343 -0.76 7.09 11.00
C SER A 343 -0.49 5.57 11.07
N PHE A 344 0.22 5.19 12.12
CA PHE A 344 0.63 3.80 12.42
C PHE A 344 0.40 3.59 13.91
N THR A 345 -0.51 2.67 14.22
CA THR A 345 -1.12 2.53 15.57
C THR A 345 -1.09 1.08 16.02
N GLU A 346 -0.32 0.77 17.05
CA GLU A 346 -0.27 -0.61 17.59
C GLU A 346 -1.68 -0.94 18.13
N VAL A 347 -2.18 -2.12 17.83
CA VAL A 347 -3.51 -2.56 18.31
C VAL A 347 -3.33 -2.94 19.78
N PRO A 348 -4.42 -2.82 20.55
CA PRO A 348 -4.43 -3.26 21.92
C PRO A 348 -4.20 -4.79 22.01
N ARG A 349 -3.59 -5.20 23.11
CA ARG A 349 -3.13 -6.58 23.34
C ARG A 349 -3.66 -6.99 24.73
N PRO A 350 -4.78 -7.72 24.85
CA PRO A 350 -5.54 -8.27 23.77
C PRO A 350 -6.48 -7.18 23.26
N ILE A 351 -7.03 -7.41 22.09
CA ILE A 351 -8.18 -6.63 21.57
C ILE A 351 -9.41 -6.86 22.44
N PRO A 352 -10.01 -5.82 23.04
CA PRO A 352 -11.22 -6.00 23.85
C PRO A 352 -12.28 -6.71 23.03
N SER A 353 -12.93 -7.72 23.65
CA SER A 353 -13.93 -8.52 22.92
C SER A 353 -15.12 -7.66 22.50
N ASP A 354 -15.43 -6.56 23.19
CA ASP A 354 -16.57 -5.67 22.84
C ASP A 354 -16.10 -4.49 21.99
N LEU A 355 -14.82 -4.40 21.60
CA LEU A 355 -14.34 -3.26 20.79
C LEU A 355 -15.07 -3.32 19.45
N GLU A 356 -15.60 -2.20 19.00
CA GLU A 356 -16.37 -2.06 17.75
C GLU A 356 -15.45 -1.65 16.59
N ARG A 357 -14.47 -0.80 16.90
CA ARG A 357 -13.62 -0.14 15.88
C ARG A 357 -12.23 0.01 16.47
N LEU A 358 -11.21 -0.42 15.75
CA LEU A 358 -9.80 -0.15 16.09
C LEU A 358 -9.55 1.35 15.91
N SER A 359 -8.70 1.93 16.72
CA SER A 359 -8.24 3.33 16.48
C SER A 359 -7.22 3.33 15.33
N ILE A 360 -7.18 4.46 14.60
CA ILE A 360 -6.09 4.86 13.68
C ILE A 360 -5.24 5.96 14.33
N GLY A 361 -5.35 6.10 15.66
CA GLY A 361 -4.33 6.71 16.50
C GLY A 361 -4.15 8.19 16.26
N PHE A 362 -2.89 8.59 16.10
CA PHE A 362 -2.44 9.99 16.00
C PHE A 362 -1.59 10.05 14.77
N PRO A 363 -1.72 11.09 13.95
CA PRO A 363 -0.82 11.25 12.81
C PRO A 363 0.65 11.17 13.26
N LEU A 364 1.49 10.65 12.39
CA LEU A 364 2.94 10.63 12.60
C LEU A 364 3.44 12.03 12.99
N PRO A 365 4.60 12.10 13.65
CA PRO A 365 5.28 13.37 13.90
C PRO A 365 5.48 14.15 12.60
N GLY A 366 5.03 15.39 12.60
CA GLY A 366 5.11 16.25 11.40
C GLY A 366 3.86 16.21 10.54
N PHE A 367 2.83 15.46 10.93
CA PHE A 367 1.54 15.32 10.26
C PHE A 367 0.49 15.91 11.21
N ASP A 368 -0.61 16.39 10.67
CA ASP A 368 -1.68 16.97 11.51
C ASP A 368 -2.99 16.78 10.76
N VAL A 369 -4.03 16.44 11.53
CA VAL A 369 -5.40 16.27 11.00
C VAL A 369 -6.36 17.27 11.64
N SER A 370 -7.19 17.88 10.80
CA SER A 370 -8.41 18.63 11.16
C SER A 370 -9.57 17.78 10.65
N LEU A 371 -10.57 17.61 11.49
CA LEU A 371 -11.88 17.04 11.06
C LEU A 371 -12.80 18.19 10.73
N LEU A 372 -13.24 18.30 9.51
CA LEU A 372 -14.17 19.41 9.18
C LEU A 372 -15.59 18.85 8.94
N ASP A 373 -16.59 19.59 9.36
CA ASP A 373 -17.99 19.16 9.17
C ASP A 373 -18.46 19.61 7.79
N GLU A 374 -19.72 19.31 7.53
CA GLU A 374 -20.32 19.51 6.18
C GLU A 374 -20.51 21.01 5.93
N HIS A 375 -20.33 21.85 6.96
CA HIS A 375 -20.32 23.34 6.87
C HIS A 375 -18.90 23.85 6.63
N GLY A 376 -17.89 22.98 6.52
CA GLY A 376 -16.48 23.37 6.40
C GLY A 376 -15.83 23.81 7.73
N ARG A 377 -16.47 23.57 8.87
CA ARG A 377 -16.03 24.07 10.19
C ARG A 377 -15.39 22.95 11.03
N PRO A 378 -14.43 23.30 11.91
CA PRO A 378 -13.76 22.27 12.72
C PRO A 378 -14.71 21.58 13.66
N VAL A 379 -14.58 20.25 13.72
CA VAL A 379 -15.27 19.38 14.70
C VAL A 379 -14.31 19.22 15.89
N GLU A 380 -14.66 19.72 17.08
CA GLU A 380 -13.88 19.48 18.33
C GLU A 380 -14.55 18.44 19.25
N GLU A 381 -15.80 18.06 18.96
CA GLU A 381 -16.70 17.30 19.87
C GLU A 381 -16.35 15.82 19.77
N ILE A 382 -16.22 15.16 20.92
CA ILE A 382 -15.83 13.73 20.98
C ILE A 382 -16.92 12.97 20.24
N GLY A 383 -16.56 12.00 19.39
CA GLY A 383 -17.54 11.04 18.83
C GLY A 383 -18.30 11.60 17.64
N VAL A 384 -18.03 12.81 17.20
CA VAL A 384 -18.70 13.37 15.99
C VAL A 384 -17.77 13.25 14.79
N ALA A 385 -18.25 12.68 13.68
CA ALA A 385 -17.46 12.44 12.46
C ALA A 385 -17.33 13.73 11.68
N GLY A 386 -16.15 13.95 11.11
CA GLY A 386 -15.98 14.96 10.07
C GLY A 386 -15.01 14.42 9.05
N GLN A 387 -14.75 15.19 8.01
CA GLN A 387 -13.87 14.74 6.91
C GLN A 387 -12.43 15.07 7.27
N ILE A 388 -11.54 14.10 7.16
CA ILE A 388 -10.09 14.31 7.47
C ILE A 388 -9.54 15.27 6.44
N HIS A 389 -8.94 16.37 6.92
CA HIS A 389 -8.08 17.27 6.10
C HIS A 389 -6.69 17.09 6.70
N LEU A 390 -5.73 16.64 5.88
CA LEU A 390 -4.38 16.24 6.35
C LEU A 390 -3.36 17.30 5.96
N ARG A 391 -2.55 17.71 6.91
CA ARG A 391 -1.32 18.50 6.68
C ARG A 391 -0.15 17.50 6.80
N ALA A 392 0.62 17.35 5.72
CA ALA A 392 1.61 16.26 5.65
C ALA A 392 2.84 16.80 4.92
N PRO A 393 4.04 16.35 5.32
CA PRO A 393 5.25 16.65 4.58
C PRO A 393 5.44 15.72 3.38
N SER A 394 4.53 14.75 3.21
CA SER A 394 4.65 13.69 2.19
C SER A 394 3.57 13.88 1.12
N MET A 395 3.07 15.10 0.94
CA MET A 395 1.95 15.38 0.01
C MET A 395 2.33 15.12 -1.45
N PHE A 396 1.39 14.56 -2.22
CA PHE A 396 1.50 14.39 -3.66
C PHE A 396 1.59 15.77 -4.32
N SER A 397 2.23 15.80 -5.48
CA SER A 397 2.41 17.03 -6.30
C SER A 397 1.12 17.38 -7.02
N GLY A 398 0.25 16.41 -7.29
CA GLY A 398 -0.93 16.59 -8.14
C GLY A 398 -1.31 15.30 -8.86
N TYR A 399 -2.48 15.28 -9.47
CA TYR A 399 -2.92 14.18 -10.34
C TYR A 399 -2.44 14.45 -11.75
N TRP A 400 -1.84 13.43 -12.32
CA TRP A 400 -1.24 13.49 -13.68
C TRP A 400 -2.25 14.01 -14.70
N ASP A 401 -1.91 15.11 -15.36
CA ASP A 401 -2.73 15.75 -16.41
C ASP A 401 -4.17 16.02 -15.94
N ASP A 402 -4.43 16.33 -14.67
CA ASP A 402 -5.80 16.57 -14.16
C ASP A 402 -5.77 17.69 -13.12
N PRO A 403 -5.49 18.94 -13.55
CA PRO A 403 -5.44 20.08 -12.64
C PRO A 403 -6.79 20.32 -11.95
N GLU A 404 -7.90 19.95 -12.58
CA GLU A 404 -9.24 20.17 -11.99
C GLU A 404 -9.42 19.21 -10.80
N ALA A 405 -9.04 17.94 -10.98
CA ALA A 405 -9.17 16.95 -9.89
C ALA A 405 -8.20 17.40 -8.77
N THR A 406 -7.01 17.86 -9.15
CA THR A 406 -6.01 18.33 -8.17
C THR A 406 -6.66 19.43 -7.30
N ALA A 407 -7.31 20.39 -7.91
CA ALA A 407 -7.87 21.56 -7.18
C ALA A 407 -9.02 21.11 -6.26
N ARG A 408 -9.70 20.00 -6.53
CA ARG A 408 -10.79 19.51 -5.66
C ARG A 408 -10.23 18.73 -4.45
N VAL A 409 -8.97 18.34 -4.47
CA VAL A 409 -8.39 17.44 -3.43
C VAL A 409 -7.29 18.13 -2.64
N LEU A 410 -6.38 18.82 -3.32
CA LEU A 410 -5.36 19.68 -2.64
C LEU A 410 -5.94 21.06 -2.50
N VAL A 411 -6.57 21.35 -1.38
CA VAL A 411 -7.43 22.55 -1.27
C VAL A 411 -6.78 23.51 -0.28
N SER A 412 -7.13 24.77 -0.40
CA SER A 412 -6.67 25.81 0.52
C SER A 412 -7.02 25.34 1.94
N ASP A 413 -6.08 25.46 2.89
CA ASP A 413 -6.26 25.05 4.30
C ASP A 413 -7.49 25.77 4.85
N PRO A 414 -8.55 25.07 5.24
CA PRO A 414 -9.76 25.78 5.71
C PRO A 414 -9.58 26.53 7.01
N LEU A 415 -8.57 26.20 7.81
CA LEU A 415 -8.24 26.94 9.05
C LEU A 415 -7.25 28.11 8.81
N ASP A 416 -6.75 28.24 7.58
CA ASP A 416 -5.75 29.27 7.18
C ASP A 416 -5.85 29.57 5.68
N PRO A 417 -7.03 29.96 5.18
CA PRO A 417 -7.25 30.00 3.73
C PRO A 417 -6.50 31.11 2.98
N ARG A 418 -5.96 32.12 3.67
CA ARG A 418 -5.37 33.32 3.00
C ARG A 418 -3.87 33.09 2.76
N SER A 419 -3.23 32.07 3.34
CA SER A 419 -1.76 31.82 3.22
C SER A 419 -1.33 31.20 1.89
N GLY A 420 -2.19 30.43 1.22
CA GLY A 420 -1.73 29.64 0.05
C GLY A 420 -1.38 28.20 0.42
N ARG A 421 -1.23 27.90 1.69
CA ARG A 421 -0.98 26.52 2.18
C ARG A 421 -2.17 25.63 1.81
N THR A 422 -1.86 24.40 1.39
CA THR A 422 -2.87 23.40 0.98
C THR A 422 -2.89 22.26 1.99
N VAL A 423 -4.02 21.58 2.01
CA VAL A 423 -4.23 20.34 2.79
C VAL A 423 -4.78 19.31 1.83
N LEU A 424 -4.72 18.04 2.27
CA LEU A 424 -5.37 16.93 1.56
C LEU A 424 -6.79 16.79 2.10
N ARG A 425 -7.78 17.09 1.27
CA ARG A 425 -9.19 16.73 1.50
C ARG A 425 -9.38 15.24 1.18
N SER A 426 -9.32 14.40 2.20
CA SER A 426 -8.98 12.98 2.10
C SER A 426 -10.07 12.12 1.48
N GLY A 427 -11.31 12.54 1.57
CA GLY A 427 -12.45 11.69 1.16
C GLY A 427 -12.80 10.68 2.24
N ASP A 428 -12.16 10.77 3.40
CA ASP A 428 -12.39 9.84 4.53
C ASP A 428 -13.08 10.55 5.67
N LEU A 429 -14.04 9.88 6.29
CA LEU A 429 -14.64 10.34 7.56
C LEU A 429 -13.91 9.70 8.73
N ALA A 430 -13.87 10.43 9.84
CA ALA A 430 -13.34 9.93 11.11
C ALA A 430 -13.92 10.74 12.25
N TYR A 431 -13.85 10.16 13.43
CA TYR A 431 -14.20 10.89 14.66
C TYR A 431 -13.08 10.69 15.67
N ARG A 432 -13.04 11.51 16.70
CA ARG A 432 -12.06 11.39 17.82
C ARG A 432 -12.71 10.80 19.06
N GLY A 433 -11.92 10.09 19.84
CA GLY A 433 -12.25 9.59 21.17
C GLY A 433 -11.84 10.59 22.23
N GLU A 434 -12.06 10.22 23.50
CA GLU A 434 -11.85 11.13 24.66
C GLU A 434 -10.38 11.52 24.77
N ASP A 435 -9.49 10.72 24.18
CA ASP A 435 -8.04 11.00 24.29
C ASP A 435 -7.50 11.64 23.00
N GLY A 436 -8.36 12.08 22.08
CA GLY A 436 -7.95 12.74 20.83
C GLY A 436 -7.53 11.75 19.73
N GLU A 437 -7.64 10.44 19.97
CA GLU A 437 -7.26 9.39 18.96
C GLU A 437 -8.37 9.35 17.91
N LEU A 438 -8.02 9.05 16.66
CA LEU A 438 -8.95 8.90 15.54
C LEU A 438 -9.48 7.46 15.39
N TYR A 439 -10.64 7.39 14.75
CA TYR A 439 -11.40 6.19 14.36
C TYR A 439 -11.91 6.48 12.95
N PHE A 440 -11.57 5.60 12.04
CA PHE A 440 -11.94 5.71 10.62
C PHE A 440 -13.44 5.42 10.55
N ALA A 441 -14.15 6.16 9.72
CA ALA A 441 -15.64 6.03 9.64
C ALA A 441 -16.13 5.93 8.20
N GLY A 442 -15.28 5.50 7.26
CA GLY A 442 -15.71 5.17 5.90
C GLY A 442 -15.42 6.30 4.94
N ARG A 443 -15.51 6.01 3.66
CA ARG A 443 -15.40 7.05 2.62
C ARG A 443 -16.59 7.97 2.70
N VAL A 444 -16.38 9.30 2.62
CA VAL A 444 -17.47 10.30 2.66
C VAL A 444 -18.53 9.96 1.59
N ASP A 445 -18.07 9.58 0.40
CA ASP A 445 -18.92 9.39 -0.81
C ASP A 445 -19.56 7.99 -0.80
N ALA A 446 -19.21 7.08 0.10
CA ALA A 446 -19.73 5.69 0.04
C ALA A 446 -20.50 5.35 1.31
N GLN A 447 -21.08 6.29 2.03
CA GLN A 447 -21.93 5.99 3.22
C GLN A 447 -23.37 5.77 2.72
N ILE A 450 -30.49 3.58 5.81
CA ILE A 450 -31.54 2.67 5.21
C ILE A 450 -32.95 3.17 5.48
N ARG A 451 -33.17 3.63 6.68
CA ARG A 451 -34.48 4.18 7.04
C ARG A 451 -34.15 5.39 7.90
N GLY A 452 -33.41 6.32 7.30
CA GLY A 452 -32.78 7.49 7.96
C GLY A 452 -31.67 7.07 8.92
N ASN A 453 -31.08 5.88 8.69
CA ASN A 453 -29.99 5.32 9.52
C ASN A 453 -28.76 4.96 8.66
N ARG A 454 -27.62 5.55 9.00
CA ARG A 454 -26.29 5.18 8.48
C ARG A 454 -26.05 3.69 8.81
N VAL A 455 -25.80 2.86 7.81
CA VAL A 455 -25.45 1.44 8.04
C VAL A 455 -23.93 1.37 8.28
N GLU A 456 -23.51 0.60 9.27
CA GLU A 456 -22.09 0.22 9.49
C GLU A 456 -21.91 -1.24 9.09
N PRO A 457 -21.40 -1.50 7.88
CA PRO A 457 -21.36 -2.86 7.33
C PRO A 457 -20.51 -3.75 8.24
N GLY A 458 -19.46 -3.18 8.86
CA GLY A 458 -18.60 -3.87 9.85
C GLY A 458 -19.41 -4.47 10.97
N GLU A 459 -20.49 -3.82 11.40
CA GLU A 459 -21.33 -4.37 12.49
C GLU A 459 -22.13 -5.57 12.02
N VAL A 460 -22.70 -5.51 10.83
CA VAL A 460 -23.39 -6.65 10.21
C VAL A 460 -22.40 -7.81 10.06
N GLU A 461 -21.25 -7.55 9.43
CA GLU A 461 -20.22 -8.60 9.19
C GLU A 461 -19.78 -9.21 10.53
N ARG A 462 -19.55 -8.39 11.56
CA ARG A 462 -19.11 -8.89 12.91
C ARG A 462 -20.12 -9.93 13.41
N ARG A 463 -21.42 -9.64 13.36
CA ARG A 463 -22.41 -10.56 13.96
C ARG A 463 -22.50 -11.85 13.14
N LEU A 464 -22.33 -11.78 11.82
CA LEU A 464 -22.36 -12.99 10.99
C LEU A 464 -21.08 -13.82 11.24
N LEU A 465 -19.92 -13.17 11.36
CA LEU A 465 -18.67 -13.90 11.68
C LEU A 465 -18.78 -14.68 12.98
N GLU A 466 -19.68 -14.25 13.89
CA GLU A 466 -19.91 -14.89 15.22
C GLU A 466 -20.95 -16.01 15.09
N PHE A 467 -21.56 -16.22 13.91
CA PHE A 467 -22.57 -17.28 13.72
C PHE A 467 -21.83 -18.60 13.48
N PRO A 468 -22.14 -19.70 14.21
CA PRO A 468 -21.53 -21.01 13.93
C PRO A 468 -21.55 -21.35 12.44
N GLY A 469 -20.38 -21.72 11.90
CA GLY A 469 -20.16 -22.21 10.52
C GLY A 469 -19.65 -21.11 9.58
N ILE A 470 -19.80 -19.83 9.96
CA ILE A 470 -19.42 -18.73 9.02
C ILE A 470 -17.94 -18.37 9.23
N SER A 471 -17.19 -18.47 8.15
CA SER A 471 -15.74 -18.24 8.19
C SER A 471 -15.42 -16.78 7.84
N ALA A 472 -16.07 -16.27 6.79
CA ALA A 472 -15.89 -14.88 6.33
C ALA A 472 -17.24 -14.26 5.94
N ALA A 473 -17.35 -12.92 5.93
CA ALA A 473 -18.65 -12.23 5.68
C ALA A 473 -18.38 -10.83 5.18
N VAL A 474 -19.07 -10.45 4.13
CA VAL A 474 -19.00 -9.08 3.56
C VAL A 474 -20.43 -8.61 3.30
N ALA A 475 -20.78 -7.43 3.80
CA ALA A 475 -22.14 -6.86 3.71
C ALA A 475 -22.08 -5.76 2.66
N LEU A 476 -23.08 -5.64 1.80
CA LEU A 476 -23.08 -4.48 0.88
C LEU A 476 -24.48 -4.07 0.46
N LEU A 477 -24.56 -2.81 0.05
CA LEU A 477 -25.81 -2.05 -0.16
C LEU A 477 -25.87 -1.73 -1.64
N VAL A 478 -26.94 -2.19 -2.30
CA VAL A 478 -27.29 -2.04 -3.75
C VAL A 478 -28.30 -0.89 -3.88
N PRO A 485 -32.04 1.59 -0.62
CA PRO A 485 -30.77 0.82 -0.69
C PRO A 485 -30.95 -0.52 0.04
N VAL A 486 -30.60 -1.65 -0.59
CA VAL A 486 -30.90 -3.03 -0.07
C VAL A 486 -29.61 -3.67 0.44
N LEU A 487 -29.68 -4.26 1.62
CA LEU A 487 -28.49 -4.83 2.32
C LEU A 487 -28.40 -6.34 2.06
N HIS A 488 -27.34 -6.76 1.35
CA HIS A 488 -26.99 -8.18 1.08
C HIS A 488 -25.71 -8.56 1.86
N ALA A 489 -25.60 -9.78 2.37
CA ALA A 489 -24.32 -10.26 2.95
C ALA A 489 -23.89 -11.48 2.13
N PHE A 490 -22.59 -11.59 1.88
CA PHE A 490 -21.97 -12.76 1.21
C PHE A 490 -21.12 -13.50 2.25
N VAL A 491 -21.33 -14.79 2.50
CA VAL A 491 -20.57 -15.46 3.59
C VAL A 491 -19.82 -16.64 2.99
N VAL A 492 -18.68 -16.98 3.56
CA VAL A 492 -17.95 -18.24 3.28
C VAL A 492 -18.26 -19.20 4.43
N VAL A 493 -18.75 -20.41 4.17
CA VAL A 493 -19.32 -21.32 5.24
C VAL A 493 -18.29 -22.30 5.77
N PHE A 500 -25.85 -24.93 6.00
CA PHE A 500 -26.05 -23.47 6.15
C PHE A 500 -27.52 -23.08 5.94
N ASP A 501 -28.12 -22.45 6.96
CA ASP A 501 -29.54 -21.99 7.02
C ASP A 501 -29.60 -20.44 7.05
N LYS A 502 -29.87 -19.77 5.91
CA LYS A 502 -29.97 -18.27 5.82
C LYS A 502 -30.94 -17.75 6.88
N ALA A 503 -32.04 -18.47 7.12
CA ALA A 503 -33.13 -18.04 8.03
C ALA A 503 -32.60 -18.01 9.48
N LYS A 504 -31.88 -19.05 9.90
CA LYS A 504 -31.24 -19.09 11.24
C LYS A 504 -30.22 -17.93 11.33
N ALA A 505 -29.43 -17.70 10.27
CA ALA A 505 -28.41 -16.61 10.21
C ALA A 505 -29.08 -15.23 10.34
N ARG A 506 -30.22 -15.01 9.67
CA ARG A 506 -31.00 -13.74 9.80
C ARG A 506 -31.54 -13.55 11.23
N ALA A 507 -32.13 -14.57 11.86
CA ALA A 507 -32.70 -14.46 13.23
C ALA A 507 -31.56 -14.19 14.22
N PHE A 508 -30.38 -14.82 14.00
CA PHE A 508 -29.14 -14.59 14.80
C PHE A 508 -28.71 -13.12 14.69
N CYS A 509 -28.71 -12.53 13.50
CA CYS A 509 -28.48 -11.08 13.33
C CYS A 509 -29.51 -10.24 14.12
N ALA A 510 -30.78 -10.60 13.98
CA ALA A 510 -31.95 -9.87 14.55
C ALA A 510 -31.88 -9.91 16.09
N ASP A 511 -31.15 -10.86 16.68
CA ASP A 511 -31.02 -10.96 18.17
C ASP A 511 -30.33 -9.72 18.70
N THR A 512 -29.34 -9.18 18.00
CA THR A 512 -28.53 -8.05 18.54
C THR A 512 -28.66 -6.80 17.65
N LEU A 513 -29.03 -6.91 16.38
CA LEU A 513 -28.83 -5.80 15.42
C LEU A 513 -30.16 -5.09 15.20
N PRO A 514 -30.15 -3.76 14.96
CA PRO A 514 -31.38 -3.04 14.66
C PRO A 514 -31.92 -3.51 13.30
N GLY A 515 -33.22 -3.31 13.07
CA GLY A 515 -33.92 -3.83 11.89
C GLY A 515 -33.20 -3.43 10.61
N TYR A 516 -32.72 -2.20 10.50
CA TYR A 516 -32.13 -1.66 9.25
C TYR A 516 -30.78 -2.35 8.93
N MET A 517 -30.14 -2.99 9.93
CA MET A 517 -28.86 -3.72 9.75
C MET A 517 -29.07 -5.21 9.49
N ILE A 518 -30.30 -5.74 9.49
CA ILE A 518 -30.54 -7.18 9.19
C ILE A 518 -30.45 -7.35 7.68
N PRO A 519 -29.54 -8.20 7.14
CA PRO A 519 -29.48 -8.42 5.70
C PRO A 519 -30.83 -8.96 5.19
N ALA A 520 -31.30 -8.36 4.07
CA ALA A 520 -32.40 -8.78 3.18
C ALA A 520 -32.08 -10.17 2.64
N ASN A 521 -30.85 -10.40 2.17
CA ASN A 521 -30.44 -11.72 1.62
C ASN A 521 -29.00 -12.06 2.07
N ILE A 522 -28.75 -13.34 2.33
CA ILE A 522 -27.43 -13.93 2.67
C ILE A 522 -27.10 -15.02 1.65
N VAL A 523 -25.99 -14.88 0.93
CA VAL A 523 -25.57 -15.76 -0.21
C VAL A 523 -24.25 -16.42 0.18
N ALA A 524 -24.16 -17.73 0.07
CA ALA A 524 -22.92 -18.50 0.34
C ALA A 524 -21.98 -18.36 -0.87
N VAL A 525 -20.71 -18.00 -0.63
CA VAL A 525 -19.72 -17.87 -1.73
C VAL A 525 -18.49 -18.68 -1.32
N ASP A 526 -17.66 -19.10 -2.28
CA ASP A 526 -16.52 -19.96 -1.95
C ASP A 526 -15.40 -19.10 -1.34
N ASP A 527 -15.31 -17.85 -1.78
CA ASP A 527 -14.12 -17.03 -1.48
C ASP A 527 -14.64 -15.61 -1.42
N ILE A 528 -14.04 -14.76 -0.62
CA ILE A 528 -14.23 -13.29 -0.76
C ILE A 528 -13.29 -12.81 -1.89
N PRO A 529 -13.82 -12.25 -3.00
CA PRO A 529 -12.98 -11.84 -4.11
C PRO A 529 -12.17 -10.61 -3.71
N LEU A 530 -11.00 -10.45 -4.32
CA LEU A 530 -10.08 -9.32 -4.02
C LEU A 530 -9.76 -8.56 -5.30
N THR A 531 -9.44 -7.30 -5.16
CA THR A 531 -8.76 -6.50 -6.20
C THR A 531 -7.30 -6.95 -6.38
N VAL A 532 -6.67 -6.50 -7.45
CA VAL A 532 -5.23 -6.88 -7.67
C VAL A 532 -4.40 -6.52 -6.42
N ASN A 533 -4.71 -5.43 -5.74
CA ASN A 533 -3.92 -4.90 -4.59
C ASN A 533 -4.38 -5.59 -3.30
N GLY A 534 -5.41 -6.42 -3.36
CA GLY A 534 -5.71 -7.29 -2.21
C GLY A 534 -6.88 -6.77 -1.38
N LYS A 535 -7.61 -5.75 -1.84
CA LYS A 535 -8.73 -5.22 -1.04
C LYS A 535 -9.99 -6.02 -1.38
N VAL A 536 -11.02 -5.97 -0.54
CA VAL A 536 -12.32 -6.63 -0.85
C VAL A 536 -12.87 -6.05 -2.15
N ASP A 537 -13.24 -6.92 -3.09
CA ASP A 537 -13.74 -6.47 -4.41
C ASP A 537 -15.27 -6.39 -4.30
N ARG A 538 -15.77 -5.35 -3.63
CA ARG A 538 -17.24 -5.17 -3.39
C ARG A 538 -17.96 -5.03 -4.76
N ALA A 539 -17.38 -4.36 -5.77
CA ALA A 539 -17.92 -4.25 -7.16
C ALA A 539 -18.18 -5.66 -7.74
N ASP A 540 -17.26 -6.63 -7.56
CA ASP A 540 -17.43 -8.03 -8.03
C ASP A 540 -18.62 -8.68 -7.32
N LEU A 541 -18.72 -8.54 -6.02
CA LEU A 541 -19.81 -9.17 -5.24
C LEU A 541 -21.18 -8.57 -5.67
N ALA A 542 -21.21 -7.26 -5.95
CA ALA A 542 -22.40 -6.53 -6.42
C ALA A 542 -22.91 -7.23 -7.70
N THR A 543 -22.00 -7.74 -8.55
CA THR A 543 -22.42 -8.36 -9.84
C THR A 543 -23.25 -9.64 -9.66
N ARG A 544 -23.33 -10.28 -8.49
CA ARG A 544 -23.90 -11.66 -8.45
C ARG A 544 -25.32 -11.69 -7.81
BR A1L0H B . -2.62 2.47 4.67
C5 A1L0H B . -0.82 2.43 4.02
C4 A1L0H B . 0.17 2.00 4.87
C3 A1L0H B . 1.50 2.00 4.41
C2 A1L0H B . 1.73 2.42 3.12
C6 A1L0H B . -0.60 2.86 2.71
C1 A1L0H B . 0.71 2.82 2.27
C7 A1L0H B . -1.70 3.34 1.80
N1 A1L0H B . -1.21 4.24 0.69
C8 A1L0H B . -2.39 2.14 1.16
C9 A1L0H B . -3.68 2.41 0.47
O1 A1L0H B . -4.56 1.53 0.47
N2 A1L0H B . -3.84 3.60 -0.15
S A1L0H B . -5.04 3.86 -1.14
O3 A1L0H B . -4.95 5.20 -1.62
O4 A1L0H B . -5.23 2.83 -2.14
O2 A1L0H B . -6.43 3.78 -0.38
C10 A1L0H B . -6.49 4.69 0.73
C11 A1L0H B . -7.84 4.54 1.42
C12 A1L0H B . -7.98 5.48 2.61
O6 A1L0H B . -8.32 6.80 2.09
C13 A1L0H B . -9.06 4.78 3.39
O7 A1L0H B . -10.34 5.00 2.81
C14 A1L0H B . -8.71 3.29 3.17
O5 A1L0H B . -7.94 3.22 1.97
N3 A1L0H B . -7.81 2.87 4.27
C16 A1L0H B . -8.17 2.31 5.43
N5 A1L0H B . -9.41 2.03 5.91
C18 A1L0H B . -9.49 1.45 7.14
N6 A1L0H B . -8.43 1.28 7.93
C19 A1L0H B . -7.18 1.54 7.46
N7 A1L0H B . -6.17 1.29 8.26
C17 A1L0H B . -7.02 2.05 6.17
N4 A1L0H B . -5.95 2.50 5.42
C15 A1L0H B . -6.43 2.96 4.28
#